data_2KAL
#
_entry.id   2KAL
#
loop_
_entity.id
_entity.type
_entity.pdbx_description
1 polymer "5'-D(*DGP*DCP*DGP*DAP*DGP*(6MA)P*DTP*DCP*DTP*DGP*DCP*DG)-3'"
2 polymer "5'-D(*DCP*DGP*DCP*DAP*DGP*(6MA)P*DTP*DCP*DTP*DCP*DGP*DC)-3'"
#
loop_
_entity_poly.entity_id
_entity_poly.type
_entity_poly.pdbx_seq_one_letter_code
_entity_poly.pdbx_strand_id
1 'polydeoxyribonucleotide' (DG)(DC)(DG)(DA)(DG)(6MA)(DT)(DC)(DT)(DG)(DC)(DG) A
2 'polydeoxyribonucleotide' (DC)(DG)(DC)(DA)(DG)(6MA)(DT)(DC)(DT)(DC)(DG)(DC) B
#
loop_
_chem_comp.id
_chem_comp.type
_chem_comp.name
_chem_comp.formula
6MA DNA linking N6-METHYL-DEOXY-ADENOSINE-5'-MONOPHOSPHATE 'C11 H16 N5 O6 P'
DA DNA linking 2'-DEOXYADENOSINE-5'-MONOPHOSPHATE 'C10 H14 N5 O6 P'
DC DNA linking 2'-DEOXYCYTIDINE-5'-MONOPHOSPHATE 'C9 H14 N3 O7 P'
DG DNA linking 2'-DEOXYGUANOSINE-5'-MONOPHOSPHATE 'C10 H14 N5 O7 P'
DT DNA linking THYMIDINE-5'-MONOPHOSPHATE 'C10 H15 N2 O8 P'
#
# COMPACT_ATOMS: atom_id res chain seq x y z
P 6MA A 6 -9.36 -1.61 0.47
OP1 6MA A 6 -10.38 -1.90 1.50
OP2 6MA A 6 -9.32 -2.40 -0.78
O5' 6MA A 6 -9.46 -0.05 0.07
C5' 6MA A 6 -9.58 0.96 1.09
C4' 6MA A 6 -8.74 2.19 0.77
O4' 6MA A 6 -7.41 2.07 1.31
C3' 6MA A 6 -8.61 2.29 -0.74
O3' 6MA A 6 -9.06 3.59 -1.15
C2' 6MA A 6 -7.15 2.08 -1.06
C1' 6MA A 6 -6.42 2.17 0.28
N9 6MA A 6 -5.43 1.13 0.51
C8 6MA A 6 -5.57 -0.19 0.32
N7 6MA A 6 -4.50 -0.90 0.60
C5 6MA A 6 -3.58 0.06 1.01
C6 6MA A 6 -2.23 -0.01 1.45
N1 6MA A 6 -1.61 1.13 1.79
C2 6MA A 6 -2.29 2.28 1.70
N3 6MA A 6 -3.55 2.48 1.30
C4 6MA A 6 -4.15 1.32 0.97
N6 6MA A 6 -1.56 -1.18 1.55
C1 6MA A 6 -2.14 -2.46 1.21
H5' 6MA A 6 -9.26 0.55 2.04
H5'' 6MA A 6 -10.62 1.26 1.17
H4' 6MA A 6 -9.22 3.09 1.16
H3' 6MA A 6 -9.20 1.53 -1.22
H2' 6MA A 6 -7.02 1.09 -1.47
H1' 6MA A 6 -5.93 3.12 0.31
H8 6MA A 6 -6.44 -0.54 0.01
H2 6MA A 6 -1.82 3.09 1.95
H61 6MA A 6 -0.69 -1.14 1.84
H11 6MA A 6 -2.57 -2.44 0.36
H12 6MA A 6 -2.80 -2.73 1.85
H13 6MA A 6 -1.47 -3.14 1.17
P 6MA B 6 9.20 -2.41 -2.44
OP1 6MA B 6 10.58 -2.06 -2.05
OP2 6MA B 6 8.55 -3.61 -1.85
O5' 6MA B 6 8.24 -1.13 -2.15
C5' 6MA B 6 8.67 0.20 -2.51
C4' 6MA B 6 8.40 1.21 -1.38
O4' 6MA B 6 7.08 1.78 -1.50
C3' 6MA B 6 8.47 0.48 -0.05
O3' 6MA B 6 9.39 1.18 0.80
C2' 6MA B 6 7.06 0.53 0.55
C1' 6MA B 6 6.23 1.35 -0.42
N9 6MA B 6 5.13 0.61 -1.00
C8 6MA B 6 5.13 -0.60 -1.60
N7 6MA B 6 3.95 -1.00 -2.02
C5 6MA B 6 3.11 0.05 -1.66
C6 6MA B 6 1.72 0.28 -1.81
N1 6MA B 6 1.21 1.43 -1.33
C2 6MA B 6 2.06 2.31 -0.73
N3 6MA B 6 3.36 2.20 -0.54
C4 6MA B 6 3.83 1.04 -1.04
N6 6MA B 6 0.90 -0.60 -2.41
C1 6MA B 6 1.34 -1.86 -2.96
H5' 6MA B 6 8.13 0.51 -3.40
H5'' 6MA B 6 9.73 0.19 -2.72
H4' 6MA B 6 9.15 2.01 -1.41
H3' 6MA B 6 8.78 -0.55 -0.20
H2' 6MA B 6 6.66 -0.48 0.61
H1' 6MA B 6 5.81 2.21 0.10
H8 6MA B 6 6.00 -1.09 -1.67
H2 6MA B 6 1.65 3.11 -0.39
H61 6MA B 6 0.01 -0.38 -2.46
H11 6MA B 6 1.75 -1.75 -3.81
H12 6MA B 6 1.98 -2.29 -2.39
H13 6MA B 6 0.61 -2.48 -3.07
P 6MA A 6 -9.55 -1.22 0.49
OP1 6MA A 6 -10.58 -1.51 1.52
OP2 6MA A 6 -9.51 -2.01 -0.76
O5' 6MA A 6 -9.63 0.34 0.11
C5' 6MA A 6 -9.72 1.34 1.12
C4' 6MA A 6 -8.84 2.55 0.80
O4' 6MA A 6 -7.52 2.38 1.35
C3' 6MA A 6 -8.70 2.65 -0.71
O3' 6MA A 6 -9.12 3.96 -1.12
C2' 6MA A 6 -7.24 2.40 -1.02
C1' 6MA A 6 -6.53 2.47 0.31
N9 6MA A 6 -5.54 1.41 0.54
C8 6MA A 6 -5.72 0.09 0.35
N7 6MA A 6 -4.66 -0.65 0.61
C5 6MA A 6 -3.71 0.29 1.02
C6 6MA A 6 -2.37 0.18 1.46
N1 6MA A 6 -1.72 1.32 1.79
C2 6MA A 6 -2.38 2.48 1.71
N3 6MA A 6 -3.63 2.71 1.32
C4 6MA A 6 -4.26 1.57 0.99
N6 6MA A 6 -1.73 -0.99 1.54
C1 6MA A 6 -2.34 -2.26 1.20
H5' 6MA A 6 -9.40 0.93 2.07
H5'' 6MA A 6 -10.75 1.68 1.20
H4' 6MA A 6 -9.29 3.47 1.19
H3' 6MA A 6 -9.30 1.89 -1.20
H2' 6MA A 6 -7.13 1.40 -1.44
H1' 6MA A 6 -6.01 3.41 0.37
H8 6MA A 6 -6.60 -0.24 0.04
H2 6MA A 6 -1.88 3.27 1.96
H61 6MA A 6 -0.85 -0.99 1.82
H11 6MA A 6 -3.10 -2.45 1.76
H12 6MA A 6 -1.73 -2.99 1.31
H13 6MA A 6 -2.64 -2.28 0.29
P 6MA B 6 9.19 -2.22 -2.53
OP1 6MA B 6 10.57 -1.82 -2.17
OP2 6MA B 6 8.59 -3.42 -1.91
O5' 6MA B 6 8.21 -0.96 -2.26
C5' 6MA B 6 8.61 0.37 -2.62
C4' 6MA B 6 8.33 1.38 -1.50
O4' 6MA B 6 7.00 1.93 -1.62
C3' 6MA B 6 8.43 0.64 -0.18
O3' 6MA B 6 9.36 1.33 0.65
C2' 6MA B 6 7.03 0.68 0.44
C1' 6MA B 6 6.18 1.51 -0.52
N9 6MA B 6 5.05 0.78 -1.06
C8 6MA B 6 5.03 -0.42 -1.68
N7 6MA B 6 3.84 -0.82 -2.08
C5 6MA B 6 3.02 0.24 -1.70
C6 6MA B 6 1.63 0.48 -1.82
N1 6MA B 6 1.15 1.65 -1.32
C2 6MA B 6 2.00 2.50 -0.74
N3 6MA B 6 3.30 2.38 -0.57
C4 6MA B 6 3.76 1.23 -1.07
N6 6MA B 6 0.78 -0.38 -2.40
C1 6MA B 6 1.19 -1.66 -2.96
H5' 6MA B 6 8.06 0.68 -3.52
H5'' 6MA B 6 9.67 0.39 -2.84
H4' 6MA B 6 9.07 2.19 -1.53
H3' 6MA B 6 8.73 -0.39 -0.34
H2' 6MA B 6 6.64 -0.34 0.50
H1' 6MA B 6 5.78 2.37 0.02
H8 6MA B 6 5.89 -0.93 -1.77
H2 6MA B 6 1.62 3.32 -0.38
H61 6MA B 6 -0.11 -0.15 -2.44
H11 6MA B 6 1.55 -1.55 -3.84
H12 6MA B 6 1.87 -2.07 -2.42
H13 6MA B 6 0.46 -2.26 -3.02
P 6MA A 6 -8.87 -3.15 1.57
OP1 6MA A 6 -9.70 -3.49 2.75
OP2 6MA A 6 -9.05 -3.89 0.30
O5' 6MA A 6 -9.04 -1.58 1.27
C5' 6MA A 6 -9.14 -0.63 2.34
C4' 6MA A 6 -8.42 0.68 2.00
O4' 6MA A 6 -7.04 0.64 2.43
C3' 6MA A 6 -8.43 0.86 0.50
O3' 6MA A 6 -9.09 2.10 0.20
C2' 6MA A 6 -6.98 0.87 0.05
C1' 6MA A 6 -6.16 0.87 1.33
N9 6MA A 6 -5.09 -0.12 1.40
C8 6MA A 6 -5.18 -1.44 1.12
N7 6MA A 6 -4.06 -2.10 1.25
C5 6MA A 6 -3.16 -1.12 1.66
C6 6MA A 6 -1.78 -1.14 1.98
N1 6MA A 6 -1.20 0.01 2.35
C2 6MA A 6 -1.94 1.12 2.40
N3 6MA A 6 -3.23 1.27 2.12
C4 6MA A 6 -3.79 0.10 1.75
N6 6MA A 6 -1.04 -2.26 1.93
C1 6MA A 6 -1.57 -3.56 1.54
H5' 6MA A 6 -8.70 -1.06 3.24
H5'' 6MA A 6 -10.19 -0.41 2.53
H4' 6MA A 6 -8.93 1.52 2.49
H3' 6MA A 6 -8.95 0.04 0.02
H2' 6MA A 6 -6.78 -0.05 -0.50
H1' 6MA A 6 -5.70 1.84 1.42
H8 6MA A 6 -6.07 -1.82 0.85
H2 6MA A 6 -1.48 1.93 2.68
H61 6MA A 6 -0.15 -2.21 2.15
H11 6MA A 6 -0.98 -4.27 1.79
H12 6MA A 6 -1.71 -3.62 0.60
H13 6MA A 6 -2.40 -3.74 1.97
P 6MA B 6 9.27 -2.54 -2.31
OP1 6MA B 6 10.65 -2.20 -1.93
OP2 6MA B 6 8.64 -3.78 -1.77
O5' 6MA B 6 8.31 -1.30 -1.93
C5' 6MA B 6 8.66 0.05 -2.32
C4' 6MA B 6 8.46 1.05 -1.16
O4' 6MA B 6 7.12 1.55 -1.18
C3' 6MA B 6 8.67 0.32 0.15
O3' 6MA B 6 9.59 1.07 0.94
C2' 6MA B 6 7.31 0.26 0.84
C1' 6MA B 6 6.36 1.05 -0.06
N9 6MA B 6 5.26 0.26 -0.60
C8 6MA B 6 5.30 -0.95 -1.19
N7 6MA B 6 4.13 -1.41 -1.58
C5 6MA B 6 3.26 -0.40 -1.18
C6 6MA B 6 1.85 -0.23 -1.28
N1 6MA B 6 1.32 0.91 -0.78
C2 6MA B 6 2.14 1.81 -0.22
N3 6MA B 6 3.45 1.77 -0.08
C4 6MA B 6 3.96 0.63 -0.58
N6 6MA B 6 1.04 -1.13 -1.85
C1 6MA B 6 1.51 -2.39 -2.41
H5' 6MA B 6 8.04 0.35 -3.15
H5'' 6MA B 6 9.70 0.07 -2.62
H4' 6MA B 6 9.17 1.86 -1.25
H3' 6MA B 6 9.03 -0.70 -0.03
H2' 6MA B 6 6.97 -0.77 0.90
H1' 6MA B 6 5.92 1.87 0.51
H8 6MA B 6 6.18 -1.41 -1.30
H2 6MA B 6 1.72 2.61 0.13
H61 6MA B 6 0.14 -0.95 -1.88
H11 6MA B 6 1.30 -3.13 -1.84
H12 6MA B 6 1.12 -2.55 -3.27
H13 6MA B 6 2.46 -2.39 -2.52
P 6MA A 6 -9.37 -0.74 0.67
OP1 6MA A 6 -10.36 -0.95 1.75
OP2 6MA A 6 -9.48 -1.49 -0.60
O5' 6MA A 6 -9.34 0.83 0.32
C5' 6MA A 6 -9.37 1.82 1.35
C4' 6MA A 6 -8.44 3.00 1.03
O4' 6MA A 6 -7.12 2.76 1.56
C3' 6MA A 6 -8.33 3.12 -0.47
O3' 6MA A 6 -8.76 4.43 -0.85
C2' 6MA A 6 -6.88 2.87 -0.82
C1' 6MA A 6 -6.14 2.86 0.52
N9 6MA A 6 -5.20 1.75 0.69
C8 6MA A 6 -5.43 0.44 0.46
N7 6MA A 6 -4.39 -0.33 0.69
C5 6MA A 6 -3.41 0.56 1.11
C6 6MA A 6 -2.05 0.39 1.51
N1 6MA A 6 -1.36 1.48 1.86
C2 6MA A 6 -1.97 2.67 1.81
N3 6MA A 6 -3.22 2.96 1.47
C4 6MA A 6 -3.91 1.85 1.11
N6 6MA A 6 -1.46 -0.82 1.56
C1 6MA A 6 -2.12 -2.06 1.20
H5' 6MA A 6 -9.06 1.36 2.29
H5'' 6MA A 6 -10.39 2.19 1.46
H4' 6MA A 6 -8.85 3.92 1.46
H3' 6MA A 6 -8.95 2.37 -0.96
H2' 6MA A 6 -6.80 1.89 -1.29
H1' 6MA A 6 -5.59 3.78 0.59
H8 6MA A 6 -6.33 0.16 0.17
H2 6MA A 6 -1.43 3.44 2.08
H61 6MA A 6 -0.57 -0.84 1.82
H11 6MA A 6 -2.76 -2.32 1.86
H12 6MA A 6 -1.49 -2.77 1.11
H13 6MA A 6 -2.58 -1.97 0.36
P 6MA B 6 9.31 -2.25 -2.27
OP1 6MA B 6 10.70 -1.94 -1.85
OP2 6MA B 6 8.62 -3.41 -1.70
O5' 6MA B 6 8.39 -0.93 -2.00
C5' 6MA B 6 8.84 0.37 -2.40
C4' 6MA B 6 8.62 1.42 -1.30
O4' 6MA B 6 7.32 2.01 -1.41
C3' 6MA B 6 8.71 0.71 0.03
O3' 6MA B 6 9.65 1.41 0.86
C2' 6MA B 6 7.32 0.79 0.66
C1' 6MA B 6 6.48 1.62 -0.31
N9 6MA B 6 5.34 0.91 -0.86
C8 6MA B 6 5.29 -0.31 -1.44
N7 6MA B 6 4.10 -0.68 -1.84
C5 6MA B 6 3.30 0.41 -1.48
C6 6MA B 6 1.92 0.68 -1.61
N1 6MA B 6 1.46 1.86 -1.13
C2 6MA B 6 2.33 2.71 -0.57
N3 6MA B 6 3.64 2.56 -0.40
C4 6MA B 6 4.06 1.39 -0.87
N6 6MA B 6 1.05 -0.18 -2.17
C1 6MA B 6 1.43 -1.46 -2.71
H5' 6MA B 6 8.28 0.68 -3.29
H5'' 6MA B 6 9.90 0.34 -2.65
H4' 6MA B 6 9.39 2.19 -1.37
H3' 6MA B 6 9.00 -0.33 -0.10
H2' 6MA B 6 6.90 -0.22 0.73
H1' 6MA B 6 6.10 2.49 0.22
H8 6MA B 6 6.14 -0.84 -1.52
H2 6MA B 6 1.97 3.53 -0.23
H61 6MA B 6 0.17 0.07 -2.22
H11 6MA B 6 1.76 -1.39 -3.60
H12 6MA B 6 2.13 -1.87 -2.19
H13 6MA B 6 0.70 -2.07 -2.73
P 6MA A 6 -8.39 -3.56 1.51
OP1 6MA A 6 -9.20 -3.99 2.67
OP2 6MA A 6 -8.49 -4.28 0.22
O5' 6MA A 6 -8.66 -2.00 1.24
C5' 6MA A 6 -8.79 -1.07 2.34
C4' 6MA A 6 -8.18 0.29 2.00
O4' 6MA A 6 -6.80 0.33 2.41
C3' 6MA A 6 -8.24 0.49 0.50
O3' 6MA A 6 -8.97 1.67 0.22
C2' 6MA A 6 -6.79 0.58 0.02
C1' 6MA A 6 -5.94 0.62 1.30
N9 6MA A 6 -4.85 -0.35 1.32
C8 6MA A 6 -4.89 -1.67 1.03
N7 6MA A 6 -3.72 -2.28 1.15
C5 6MA A 6 -2.87 -1.27 1.57
C6 6MA A 6 -1.48 -1.23 1.87
N1 6MA A 6 -0.94 -0.07 2.23
C2 6MA A 6 -1.74 1.02 2.30
N3 6MA A 6 -3.04 1.12 2.03
C4 6MA A 6 -3.55 -0.07 1.67
N6 6MA A 6 -0.70 -2.33 1.81
C1 6MA A 6 -1.18 -3.64 1.44
H5' 6MA A 6 -8.30 -1.49 3.21
H5'' 6MA A 6 -9.86 -0.94 2.55
H4' 6MA A 6 -8.74 1.08 2.50
H3' 6MA A 6 -8.70 -0.37 0.02
H2' 6MA A 6 -6.56 -0.31 -0.55
H1' 6MA A 6 -5.52 1.60 1.38
H8 6MA A 6 -5.75 -2.08 0.78
H2 6MA A 6 -1.30 1.84 2.56
H61 6MA A 6 0.19 -2.24 2.02
H11 6MA A 6 -0.47 -4.26 1.32
H12 6MA A 6 -1.67 -3.61 0.62
H13 6MA A 6 -1.77 -4.01 2.10
P 6MA B 6 9.21 -2.41 -2.21
OP1 6MA B 6 10.60 -2.16 -1.79
OP2 6MA B 6 8.50 -3.61 -1.71
O5' 6MA B 6 8.33 -1.11 -1.82
C5' 6MA B 6 8.72 0.21 -2.23
C4' 6MA B 6 8.60 1.23 -1.10
O4' 6MA B 6 7.26 1.79 -1.07
C3' 6MA B 6 8.81 0.52 0.23
O3' 6MA B 6 9.74 1.28 1.00
C2' 6MA B 6 7.47 0.46 0.93
C1' 6MA B 6 6.51 1.25 0.04
N9 6MA B 6 5.43 0.45 -0.51
C8 6MA B 6 5.48 -0.76 -1.12
N7 6MA B 6 4.31 -1.21 -1.51
C5 6MA B 6 3.43 -0.21 -1.13
C6 6MA B 6 2.02 -0.05 -1.23
N1 6MA B 6 1.47 1.07 -0.73
C2 6MA B 6 2.28 1.98 -0.16
N3 6MA B 6 3.59 1.95 0.00
C4 6MA B 6 4.12 0.82 -0.51
N6 6MA B 6 1.23 -0.97 -1.81
C1 6MA B 6 1.72 -2.21 -2.38
H5' 6MA B 6 8.08 0.53 -3.06
H5'' 6MA B 6 9.76 0.19 -2.57
H4' 6MA B 6 9.33 2.02 -1.22
H3' 6MA B 6 9.19 -0.49 0.05
H2' 6MA B 6 7.13 -0.57 1.00
H1' 6MA B 6 6.05 2.06 0.62
H8 6MA B 6 6.36 -1.21 -1.22
H2 6MA B 6 1.85 2.77 0.20
H61 6MA B 6 0.33 -0.79 -1.85
H11 6MA B 6 1.68 -2.93 -1.75
H12 6MA B 6 1.21 -2.48 -3.14
H13 6MA B 6 2.64 -2.13 -2.66
P 6MA A 6 -8.73 -2.84 1.36
OP1 6MA A 6 -9.58 -3.19 2.52
OP2 6MA A 6 -8.90 -3.56 0.07
O5' 6MA A 6 -8.87 -1.27 1.09
C5' 6MA A 6 -8.95 -0.34 2.17
C4' 6MA A 6 -8.20 0.96 1.88
O4' 6MA A 6 -6.84 0.87 2.31
C3' 6MA A 6 -8.20 1.16 0.36
O3' 6MA A 6 -8.80 2.43 0.09
C2' 6MA A 6 -6.75 1.12 -0.07
C1' 6MA A 6 -5.93 1.11 1.21
N9 6MA A 6 -4.88 0.09 1.28
C8 6MA A 6 -4.99 -1.22 0.97
N7 6MA A 6 -3.87 -1.90 1.11
C5 6MA A 6 -2.96 -0.95 1.55
C6 6MA A 6 -1.59 -1.00 1.89
N1 6MA A 6 -1.00 0.14 2.29
C2 6MA A 6 -1.73 1.26 2.35
N3 6MA A 6 -3.01 1.43 2.05
C4 6MA A 6 -3.59 0.28 1.66
N6 6MA A 6 -0.88 -2.14 1.85
C1 6MA A 6 -1.42 -3.41 1.43
H5' 6MA A 6 -8.53 -0.79 3.06
H5'' 6MA A 6 -10.00 -0.10 2.36
H4' 6MA A 6 -8.69 1.80 2.36
H3' 6MA A 6 -8.74 0.37 -0.13
H2' 6MA A 6 -6.57 0.20 -0.62
H1' 6MA A 6 -5.46 2.07 1.31
H8 6MA A 6 -5.87 -1.59 0.69
H2 6MA A 6 -1.26 2.06 2.64
H61 6MA A 6 0.01 -2.09 2.08
H11 6MA A 6 -2.32 -3.52 1.73
H12 6MA A 6 -0.92 -4.14 1.78
H13 6MA A 6 -1.42 -3.50 0.48
P 6MA B 6 9.40 -2.64 -2.09
OP1 6MA B 6 10.79 -2.34 -1.68
OP2 6MA B 6 8.72 -3.84 -1.58
O5' 6MA B 6 8.48 -1.35 -1.73
C5' 6MA B 6 8.88 -0.03 -2.10
C4' 6MA B 6 8.70 0.98 -0.96
O4' 6MA B 6 7.38 1.53 -0.97
C3' 6MA B 6 8.88 0.25 0.36
O3' 6MA B 6 9.80 0.98 1.17
C2' 6MA B 6 7.51 0.22 1.02
C1' 6MA B 6 6.60 1.04 0.13
N9 6MA B 6 5.49 0.27 -0.44
C8 6MA B 6 5.52 -0.93 -1.05
N7 6MA B 6 4.33 -1.35 -1.44
C5 6MA B 6 3.47 -0.33 -1.06
C6 6MA B 6 2.08 -0.12 -1.18
N1 6MA B 6 1.57 1.02 -0.68
C2 6MA B 6 2.39 1.90 -0.10
N3 6MA B 6 3.70 1.83 0.07
C4 6MA B 6 4.20 0.68 -0.44
N6 6MA B 6 1.26 -1.01 -1.77
C1 6MA B 6 1.72 -2.26 -2.33
H5' 6MA B 6 8.27 0.30 -2.95
H5'' 6MA B 6 9.93 -0.04 -2.40
H4' 6MA B 6 9.45 1.78 -1.04
H3' 6MA B 6 9.23 -0.76 0.19
H2' 6MA B 6 7.15 -0.80 1.07
H1' 6MA B 6 6.17 1.87 0.69
H8 6MA B 6 6.38 -1.40 -1.15
H2 6MA B 6 1.98 2.70 0.26
H61 6MA B 6 0.36 -0.82 -1.80
H11 6MA B 6 2.21 -2.13 -3.14
H12 6MA B 6 2.28 -2.74 -1.72
H13 6MA B 6 0.98 -2.84 -2.54
P 6MA A 6 -8.78 -2.88 1.42
OP1 6MA A 6 -9.64 -3.30 2.55
OP2 6MA A 6 -8.92 -3.55 0.10
O5' 6MA A 6 -8.95 -1.29 1.20
C5' 6MA A 6 -9.04 -0.41 2.32
C4' 6MA A 6 -8.34 0.93 2.05
O4' 6MA A 6 -6.96 0.87 2.45
C3' 6MA A 6 -8.37 1.17 0.55
O3' 6MA A 6 -8.97 2.46 0.32
C2' 6MA A 6 -6.92 1.14 0.08
C1' 6MA A 6 -6.08 1.11 1.34
N9 6MA A 6 -5.02 0.10 1.38
C8 6MA A 6 -5.12 -1.19 1.04
N7 6MA A 6 -3.99 -1.87 1.16
C5 6MA A 6 -3.09 -0.91 1.61
C6 6MA A 6 -1.72 -0.96 1.94
N1 6MA A 6 -1.13 0.18 2.37
C2 6MA A 6 -1.87 1.29 2.45
N3 6MA A 6 -3.16 1.46 2.17
C4 6MA A 6 -3.72 0.31 1.75
N6 6MA A 6 -0.98 -2.08 1.87
C1 6MA A 6 -1.52 -3.35 1.43
H5' 6MA A 6 -8.58 -0.87 3.19
H5'' 6MA A 6 -10.08 -0.21 2.54
H4' 6MA A 6 -8.84 1.74 2.57
H3' 6MA A 6 -8.92 0.40 0.04
H2' 6MA A 6 -6.76 0.22 -0.49
H1' 6MA A 6 -5.60 2.08 1.45
H8 6MA A 6 -5.99 -1.56 0.76
H2 6MA A 6 -1.42 2.09 2.75
H61 6MA A 6 -0.09 -2.03 2.09
H11 6MA A 6 -0.83 -4.02 1.36
H12 6MA A 6 -1.93 -3.28 0.57
H13 6MA A 6 -2.18 -3.68 2.03
P 6MA B 6 9.19 -2.54 -2.26
OP1 6MA B 6 10.59 -2.24 -1.88
OP2 6MA B 6 8.51 -3.75 -1.75
O5' 6MA B 6 8.28 -1.25 -1.87
C5' 6MA B 6 8.67 0.07 -2.24
C4' 6MA B 6 8.53 1.07 -1.08
O4' 6MA B 6 7.20 1.63 -1.07
C3' 6MA B 6 8.73 0.32 0.22
O3' 6MA B 6 9.66 1.05 1.02
C2' 6MA B 6 7.37 0.29 0.92
C1' 6MA B 6 6.45 1.11 0.04
N9 6MA B 6 5.32 0.35 -0.51
C8 6MA B 6 5.33 -0.84 -1.12
N7 6MA B 6 4.14 -1.26 -1.51
C5 6MA B 6 3.30 -0.23 -1.10
C6 6MA B 6 1.90 -0.02 -1.19
N1 6MA B 6 1.40 1.12 -0.67
C2 6MA B 6 2.24 2.00 -0.10
N3 6MA B 6 3.55 1.90 0.03
C4 6MA B 6 4.03 0.77 -0.48
N6 6MA B 6 1.06 -0.91 -1.76
C1 6MA B 6 1.50 -2.17 -2.34
H5' 6MA B 6 8.05 0.41 -3.07
H5'' 6MA B 6 9.71 0.07 -2.56
H4' 6MA B 6 9.27 1.87 -1.17
H3' 6MA B 6 9.07 -0.69 0.03
H2' 6MA B 6 7.01 -0.74 0.96
H1' 6MA B 6 6.01 1.93 0.63
H8 6MA B 6 6.19 -1.32 -1.25
H2 6MA B 6 1.85 2.79 0.26
H61 6MA B 6 0.16 -0.70 -1.78
H11 6MA B 6 2.16 -2.59 -1.79
H12 6MA B 6 0.77 -2.77 -2.45
H13 6MA B 6 1.89 -2.03 -3.20
P 6MA A 6 -9.27 -1.64 0.92
OP1 6MA A 6 -10.21 -1.86 2.04
OP2 6MA A 6 -9.39 -2.45 -0.32
O5' 6MA A 6 -9.33 -0.08 0.52
C5' 6MA A 6 -9.41 0.93 1.52
C4' 6MA A 6 -8.55 2.15 1.16
O4' 6MA A 6 -7.22 1.99 1.68
C3' 6MA A 6 -8.45 2.23 -0.35
O3' 6MA A 6 -8.95 3.51 -0.76
C2' 6MA A 6 -6.98 2.05 -0.70
C1' 6MA A 6 -6.25 2.11 0.62
N9 6MA A 6 -5.24 1.07 0.83
C8 6MA A 6 -5.39 -0.25 0.64
N7 6MA A 6 -4.31 -0.97 0.88
C5 6MA A 6 -3.39 -0.01 1.27
C6 6MA A 6 -2.02 -0.09 1.67
N1 6MA A 6 -1.39 1.04 2.00
C2 6MA A 6 -2.08 2.20 1.93
N3 6MA A 6 -3.34 2.40 1.57
C4 6MA A 6 -3.95 1.25 1.24
N6 6MA A 6 -1.35 -1.26 1.74
C1 6MA A 6 -1.95 -2.54 1.42
H5' 6MA A 6 -9.06 0.53 2.47
H5'' 6MA A 6 -10.45 1.25 1.62
H4' 6MA A 6 -9.00 3.06 1.56
H3' 6MA A 6 -9.03 1.44 -0.81
H2' 6MA A 6 -6.85 1.06 -1.15
H1' 6MA A 6 -5.75 3.06 0.68
H8 6MA A 6 -6.29 -0.60 0.35
H2 6MA A 6 -1.59 3.00 2.17
H61 6MA A 6 -0.48 -1.23 2.01
H11 6MA A 6 -1.28 -3.21 1.30
H12 6MA A 6 -2.46 -2.50 0.61
H13 6MA A 6 -2.53 -2.85 2.11
P 6MA B 6 9.53 -2.17 -2.42
OP1 6MA B 6 10.91 -1.78 -2.03
OP2 6MA B 6 8.89 -3.36 -1.82
O5' 6MA B 6 8.56 -0.89 -2.14
C5' 6MA B 6 8.95 0.43 -2.54
C4' 6MA B 6 8.67 1.47 -1.44
O4' 6MA B 6 7.34 2.00 -1.56
C3' 6MA B 6 8.79 0.78 -0.09
O3' 6MA B 6 9.68 1.55 0.73
C2' 6MA B 6 7.38 0.79 0.51
C1' 6MA B 6 6.52 1.58 -0.46
N9 6MA B 6 5.42 0.81 -1.00
C8 6MA B 6 5.44 -0.41 -1.58
N7 6MA B 6 4.27 -0.85 -1.97
C5 6MA B 6 3.40 0.18 -1.61
C6 6MA B 6 2.00 0.37 -1.73
N1 6MA B 6 1.49 1.52 -1.26
C2 6MA B 6 2.31 2.43 -0.71
N3 6MA B 6 3.63 2.36 -0.54
C4 6MA B 6 4.11 1.21 -1.02
N6 6MA B 6 1.19 -0.53 -2.29
C1 6MA B 6 1.65 -1.80 -2.82
H5' 6MA B 6 8.38 0.71 -3.43
H5'' 6MA B 6 10.01 0.44 -2.77
H4' 6MA B 6 9.40 2.28 -1.51
H3' 6MA B 6 9.13 -0.24 -0.21
H2' 6MA B 6 7.01 -0.22 0.59
H1' 6MA B 6 6.09 2.44 0.05
H8 6MA B 6 6.32 -0.88 -1.66
H2 6MA B 6 1.89 3.23 -0.37
H61 6MA B 6 0.30 -0.33 -2.33
H11 6MA B 6 2.44 -1.69 -3.35
H12 6MA B 6 1.88 -2.42 -2.12
H13 6MA B 6 0.99 -2.22 -3.36
P 6MA A 6 -9.13 -3.11 1.97
OP1 6MA A 6 -9.95 -3.47 3.16
OP2 6MA A 6 -9.32 -3.84 0.70
O5' 6MA A 6 -9.29 -1.54 1.70
C5' 6MA A 6 -9.34 -0.60 2.78
C4' 6MA A 6 -8.58 0.69 2.47
O4' 6MA A 6 -7.20 0.58 2.86
C3' 6MA A 6 -8.62 0.90 0.96
O3' 6MA A 6 -9.20 2.18 0.71
C2' 6MA A 6 -7.18 0.83 0.48
C1' 6MA A 6 -6.34 0.84 1.75
N9 6MA A 6 -5.27 -0.16 1.79
C8 6MA A 6 -5.37 -1.47 1.51
N7 6MA A 6 -4.23 -2.14 1.61
C5 6MA A 6 -3.32 -1.16 2.01
C6 6MA A 6 -1.94 -1.18 2.30
N1 6MA A 6 -1.34 -0.03 2.66
C2 6MA A 6 -2.09 1.08 2.73
N3 6MA A 6 -3.39 1.22 2.49
C4 6MA A 6 -3.96 0.07 2.13
N6 6MA A 6 -1.20 -2.31 2.23
C1 6MA A 6 -1.74 -3.60 1.85
H5' 6MA A 6 -8.90 -1.07 3.67
H5'' 6MA A 6 -10.38 -0.37 3.00
H4' 6MA A 6 -9.05 1.53 2.97
H3' 6MA A 6 -9.19 0.12 0.48
H2' 6MA A 6 -7.03 -0.10 -0.05
H1' 6MA A 6 -5.88 1.80 1.84
H8 6MA A 6 -6.25 -1.85 1.26
H2 6MA A 6 -1.63 1.88 3.01
H61 6MA A 6 -0.31 -2.25 2.43
H11 6MA A 6 -1.08 -4.29 1.90
H12 6MA A 6 -2.08 -3.59 0.96
H13 6MA A 6 -2.46 -3.86 2.42
P 6MA B 6 9.12 -2.68 -2.31
OP1 6MA B 6 10.51 -2.37 -1.87
OP2 6MA B 6 8.45 -3.90 -1.81
O5' 6MA B 6 8.19 -1.41 -1.92
C5' 6MA B 6 8.56 -0.07 -2.28
C4' 6MA B 6 8.38 0.92 -1.12
O4' 6MA B 6 7.05 1.45 -1.12
C3' 6MA B 6 8.57 0.16 0.19
O3' 6MA B 6 9.49 0.89 1.00
C2' 6MA B 6 7.20 0.11 0.86
C1' 6MA B 6 6.28 0.95 -0.02
N9 6MA B 6 5.17 0.18 -0.58
C8 6MA B 6 5.19 -1.00 -1.22
N7 6MA B 6 4.01 -1.43 -1.60
C5 6MA B 6 3.15 -0.44 -1.15
C6 6MA B 6 1.74 -0.26 -1.23
N1 6MA B 6 1.22 0.86 -0.67
C2 6MA B 6 2.05 1.73 -0.09
N3 6MA B 6 3.37 1.68 0.03
C4 6MA B 6 3.86 0.57 -0.53
N6 6MA B 6 0.92 -1.14 -1.81
C1 6MA B 6 1.39 -2.37 -2.43
H5' 6MA B 6 7.97 0.26 -3.13
H5'' 6MA B 6 9.62 -0.07 -2.58
H4' 6MA B 6 9.11 1.73 -1.19
H3' 6MA B 6 8.92 -0.84 -0.01
H2' 6MA B 6 6.85 -0.92 0.89
H1' 6MA B 6 5.86 1.76 0.56
H8 6MA B 6 6.07 -1.46 -1.36
H2 6MA B 6 1.64 2.52 0.30
H61 6MA B 6 0.02 -0.97 -1.81
H11 6MA B 6 1.88 -2.91 -1.82
H12 6MA B 6 0.66 -2.90 -2.74
H13 6MA B 6 1.95 -2.20 -3.18
P 6MA A 6 -8.71 -2.69 1.24
OP1 6MA A 6 -9.58 -3.09 2.37
OP2 6MA A 6 -8.85 -3.35 -0.08
O5' 6MA A 6 -8.84 -1.10 1.03
C5' 6MA A 6 -8.93 -0.22 2.15
C4' 6MA A 6 -8.19 1.11 1.88
O4' 6MA A 6 -6.82 1.01 2.32
C3' 6MA A 6 -8.20 1.36 0.39
O3' 6MA A 6 -8.78 2.65 0.16
C2' 6MA A 6 -6.75 1.31 -0.06
C1' 6MA A 6 -5.93 1.27 1.23
N9 6MA A 6 -4.89 0.23 1.26
C8 6MA A 6 -5.00 -1.06 0.93
N7 6MA A 6 -3.88 -1.75 1.04
C5 6MA A 6 -2.97 -0.81 1.50
C6 6MA A 6 -1.60 -0.87 1.82
N1 6MA A 6 -0.99 0.26 2.25
C2 6MA A 6 -1.72 1.37 2.33
N3 6MA A 6 -3.00 1.56 2.05
C4 6MA A 6 -3.59 0.43 1.63
N6 6MA A 6 -0.88 -2.01 1.75
C1 6MA A 6 -1.43 -3.27 1.30
H5' 6MA A 6 -8.49 -0.70 3.02
H5'' 6MA A 6 -9.98 0.01 2.34
H4' 6MA A 6 -8.69 1.92 2.41
H3' 6MA A 6 -8.76 0.60 -0.12
H2' 6MA A 6 -6.59 0.40 -0.63
H1' 6MA A 6 -5.44 2.22 1.33
H8 6MA A 6 -5.89 -1.42 0.64
H2 6MA A 6 -1.24 2.17 2.65
H61 6MA A 6 0.01 -1.97 1.98
H11 6MA A 6 -0.74 -3.88 1.02
H12 6MA A 6 -2.02 -3.15 0.56
H13 6MA A 6 -1.92 -3.70 2.00
P 6MA B 6 9.38 -2.47 -2.23
OP1 6MA B 6 10.78 -2.16 -1.85
OP2 6MA B 6 8.73 -3.68 -1.71
O5' 6MA B 6 8.47 -1.19 -1.82
C5' 6MA B 6 8.86 0.15 -2.17
C4' 6MA B 6 8.69 1.13 -1.01
O4' 6MA B 6 7.37 1.68 -1.00
C3' 6MA B 6 8.88 0.37 0.28
O3' 6MA B 6 9.82 1.08 1.10
C2' 6MA B 6 7.51 0.33 0.97
C1' 6MA B 6 6.60 1.17 0.09
N9 6MA B 6 5.48 0.42 -0.47
C8 6MA B 6 5.48 -0.79 -1.08
N7 6MA B 6 4.30 -1.20 -1.48
C5 6MA B 6 3.46 -0.17 -1.08
C6 6MA B 6 2.06 0.04 -1.18
N1 6MA B 6 1.56 1.19 -0.69
C2 6MA B 6 2.40 2.07 -0.10
N3 6MA B 6 3.71 1.98 0.05
C4 6MA B 6 4.18 0.83 -0.46
N6 6MA B 6 1.23 -0.84 -1.76
C1 6MA B 6 1.68 -2.09 -2.34
H5' 6MA B 6 8.25 0.48 -3.01
H5'' 6MA B 6 9.91 0.14 -2.48
H4' 6MA B 6 9.43 1.93 -1.09
H3' 6MA B 6 9.22 -0.65 0.09
H2' 6MA B 6 7.16 -0.69 1.01
H1' 6MA B 6 6.18 1.99 0.68
H8 6MA B 6 6.35 -1.27 -1.19
H2 6MA B 6 2.00 2.87 0.25
H61 6MA B 6 0.34 -0.63 -1.80
H11 6MA B 6 2.00 -1.98 -3.22
H12 6MA B 6 2.38 -2.48 -1.83
H13 6MA B 6 0.96 -2.73 -2.36
P 6MA A 6 -9.63 -0.80 1.37
OP1 6MA A 6 -10.77 -0.99 2.30
OP2 6MA A 6 -9.48 -1.68 0.19
O5' 6MA A 6 -9.64 0.72 0.86
C5' 6MA A 6 -9.69 1.80 1.79
C4' 6MA A 6 -8.70 2.92 1.44
O4' 6MA A 6 -7.43 2.68 2.05
C3' 6MA A 6 -8.51 2.92 -0.07
O3' 6MA A 6 -8.87 4.22 -0.57
C2' 6MA A 6 -7.03 2.63 -0.31
C1' 6MA A 6 -6.38 2.72 1.06
N9 6MA A 6 -5.44 1.64 1.36
C8 6MA A 6 -5.67 0.32 1.27
N7 6MA A 6 -4.65 -0.44 1.58
C5 6MA A 6 -3.66 0.47 1.91
C6 6MA A 6 -2.32 0.34 2.33
N1 6MA A 6 -1.61 1.45 2.58
C2 6MA A 6 -2.21 2.64 2.41
N3 6MA A 6 -3.46 2.90 2.02
C4 6MA A 6 -4.15 1.77 1.78
N6 6MA A 6 -1.73 -0.86 2.52
C1 6MA A 6 -2.40 -2.12 2.28
H5' 6MA A 6 -9.46 1.43 2.78
H5'' 6MA A 6 -10.70 2.22 1.80
H4' 6MA A 6 -9.09 3.89 1.77
H3' 6MA A 6 -9.10 2.15 -0.54
H2' 6MA A 6 -6.94 1.62 -0.70
H1' 6MA A 6 -5.85 3.65 1.11
H8 6MA A 6 -6.58 0.01 1.00
H2 6MA A 6 -1.67 3.42 2.60
H61 6MA A 6 -0.85 -0.87 2.79
H11 6MA A 6 -2.64 -2.55 3.10
H12 6MA A 6 -1.84 -2.73 1.80
H13 6MA A 6 -3.20 -2.01 1.77
P 6MA B 6 9.40 -2.38 -2.16
OP1 6MA B 6 10.78 -2.00 -1.77
OP2 6MA B 6 8.74 -3.54 -1.50
O5' 6MA B 6 8.44 -1.09 -1.97
C5' 6MA B 6 8.83 0.21 -2.46
C4' 6MA B 6 8.57 1.33 -1.44
O4' 6MA B 6 7.24 1.85 -1.58
C3' 6MA B 6 8.69 0.73 -0.04
O3' 6MA B 6 9.57 1.56 0.73
C2' 6MA B 6 7.30 0.76 0.56
C1' 6MA B 6 6.43 1.51 -0.43
N9 6MA B 6 5.30 0.73 -0.91
C8 6MA B 6 5.30 -0.50 -1.45
N7 6MA B 6 4.10 -0.95 -1.79
C5 6MA B 6 3.27 0.11 -1.45
C6 6MA B 6 1.87 0.31 -1.54
N1 6MA B 6 1.37 1.48 -1.09
C2 6MA B 6 2.22 2.39 -0.58
N3 6MA B 6 3.53 2.32 -0.45
C4 6MA B 6 4.00 1.15 -0.90
N6 6MA B 6 1.03 -0.61 -2.05
C1 6MA B 6 1.46 -1.89 -2.55
H5' 6MA B 6 8.27 0.43 -3.37
H5'' 6MA B 6 9.90 0.19 -2.70
H4' 6MA B 6 9.30 2.13 -1.56
H3' 6MA B 6 9.06 -0.29 -0.09
H2' 6MA B 6 6.92 -0.26 0.66
H1' 6MA B 6 6.03 2.41 0.05
H8 6MA B 6 6.16 -0.99 -1.53
H2 6MA B 6 1.82 3.22 -0.26
H61 6MA B 6 0.13 -0.40 -2.07
H11 6MA B 6 0.93 -2.17 -3.30
H12 6MA B 6 2.38 -1.87 -2.85
H13 6MA B 6 1.40 -2.57 -1.88
P 6MA A 6 -9.34 -1.05 0.69
OP1 6MA A 6 -10.34 -1.32 1.75
OP2 6MA A 6 -9.42 -1.78 -0.59
O5' 6MA A 6 -9.34 0.52 0.38
C5' 6MA A 6 -9.36 1.49 1.44
C4' 6MA A 6 -8.45 2.67 1.15
O4' 6MA A 6 -7.12 2.42 1.65
C3' 6MA A 6 -8.34 2.84 -0.36
O3' 6MA A 6 -8.74 4.17 -0.69
C2' 6MA A 6 -6.90 2.57 -0.72
C1' 6MA A 6 -6.15 2.54 0.61
N9 6MA A 6 -5.19 1.46 0.75
C8 6MA A 6 -5.40 0.15 0.51
N7 6MA A 6 -4.35 -0.62 0.71
C5 6MA A 6 -3.38 0.27 1.14
C6 6MA A 6 -2.03 0.11 1.53
N1 6MA A 6 -1.34 1.22 1.90
C2 6MA A 6 -1.97 2.40 1.89
N3 6MA A 6 -3.23 2.67 1.54
C4 6MA A 6 -3.90 1.56 1.17
N6 6MA A 6 -1.41 -1.08 1.55
C1 6MA A 6 -2.06 -2.31 1.17
H5' 6MA A 6 -9.04 1.01 2.36
H5'' 6MA A 6 -10.39 1.85 1.57
H4' 6MA A 6 -8.85 3.58 1.60
H3' 6MA A 6 -8.98 2.12 -0.87
H2' 6MA A 6 -6.83 1.59 -1.19
H1' 6MA A 6 -5.61 3.48 0.69
H8 6MA A 6 -6.31 -0.14 0.20
H2 6MA A 6 -1.45 3.17 2.16
H61 6MA A 6 -0.53 -1.10 1.82
H11 6MA A 6 -1.55 -3.08 1.46
H12 6MA A 6 -2.16 -2.39 0.22
H13 6MA A 6 -2.93 -2.39 1.57
P 6MA B 6 9.54 -2.10 -2.48
OP1 6MA B 6 10.92 -1.77 -2.05
OP2 6MA B 6 8.87 -3.31 -1.93
O5' 6MA B 6 8.59 -0.82 -2.17
C5' 6MA B 6 9.01 0.51 -2.52
C4' 6MA B 6 8.76 1.51 -1.39
O4' 6MA B 6 7.44 2.08 -1.50
C3' 6MA B 6 8.84 0.77 -0.06
O3' 6MA B 6 9.75 1.47 0.79
C2' 6MA B 6 7.44 0.79 0.53
C1' 6MA B 6 6.61 1.64 -0.41
N9 6MA B 6 5.48 0.93 -0.99
C8 6MA B 6 5.46 -0.27 -1.62
N7 6MA B 6 4.28 -0.64 -2.05
C5 6MA B 6 3.45 0.39 -1.64
C6 6MA B 6 2.06 0.64 -1.76
N1 6MA B 6 1.57 1.79 -1.24
C2 6MA B 6 2.42 2.63 -0.63
N3 6MA B 6 3.73 2.52 -0.46
C4 6MA B 6 4.19 1.37 -0.99
N6 6MA B 6 1.22 -0.22 -2.36
C1 6MA B 6 1.65 -1.47 -2.95
H5' 6MA B 6 8.47 0.83 -3.41
H5'' 6MA B 6 10.08 0.51 -2.75
H4' 6MA B 6 9.51 2.30 -1.42
H3' 6MA B 6 9.17 -0.26 -0.22
H2' 6MA B 6 7.04 -0.23 0.54
H1' 6MA B 6 6.20 2.50 0.14
H8 6MA B 6 6.32 -0.76 -1.73
H2 6MA B 6 2.03 3.43 -0.27
H61 6MA B 6 0.33 0.00 -2.40
H11 6MA B 6 0.94 -2.12 -2.94
H12 6MA B 6 1.92 -1.37 -3.85
H13 6MA B 6 2.38 -1.86 -2.46
#